data_5F8T
#
_entry.id   5F8T
#
_cell.length_a   90.153
_cell.length_b   90.153
_cell.length_c   57.260
_cell.angle_alpha   90.00
_cell.angle_beta   90.00
_cell.angle_gamma   120.00
#
_symmetry.space_group_name_H-M   'P 65'
#
loop_
_entity.id
_entity.type
_entity.pdbx_description
1 polymer 'Plasma kallikrein light chain'
2 polymer CYS-PRO-LYS-ARG-PHE-M70-ALA-LEU-PHE-CYS
3 non-polymer 'SULFATE ION'
4 non-polymer piperidine-1-carboximidamide
5 water water
#
loop_
_entity_poly.entity_id
_entity_poly.type
_entity_poly.pdbx_seq_one_letter_code
_entity_poly.pdbx_strand_id
1 'polypeptide(L)'
;IVGGTNSSWGEWPWQVSLQVKLTAQRHLCGGSLIGHQWVLTAAHCFDGLPLQDVWRIYSGILNLSDITKDTPFSQIKEII
IHQNYKVSEGNHDIALIKLQAPLNYTEFQKPISLPSKGDTSTIYTNCWVTGWGFSKEKGEIQNILQKVNIPLVTNEECQK
RYQDYKITQRMVCAGYKEGGKDACKGDSGGPLVCKHNGMWRLVGITSWGEGCARREQPGVYTKVAEYMDWILEKTQSSD
;
A
2 'polypeptide(L)' CPKRFAALFC P
#
loop_
_chem_comp.id
_chem_comp.type
_chem_comp.name
_chem_comp.formula
MRZ non-polymer piperidine-1-carboximidamide 'C6 H13 N3'
SO4 non-polymer 'SULFATE ION' 'O4 S -2'
#
# COMPACT_ATOMS: atom_id res chain seq x y z
N ILE A 1 -10.63 -2.92 2.15
CA ILE A 1 -11.26 -2.14 1.04
C ILE A 1 -12.78 -2.11 1.24
N VAL A 2 -13.34 -0.90 1.24
CA VAL A 2 -14.77 -0.66 1.39
C VAL A 2 -15.38 -0.45 0.00
N GLY A 3 -16.49 -1.12 -0.27
CA GLY A 3 -17.23 -0.93 -1.51
C GLY A 3 -16.56 -1.51 -2.75
N GLY A 4 -15.63 -2.43 -2.53
CA GLY A 4 -14.89 -3.06 -3.61
C GLY A 4 -15.47 -4.42 -3.96
N THR A 5 -14.77 -5.14 -4.82
CA THR A 5 -15.20 -6.47 -5.22
C THR A 5 -14.02 -7.41 -5.23
N ASN A 6 -14.32 -8.70 -5.32
CA ASN A 6 -13.29 -9.73 -5.30
C ASN A 6 -12.50 -9.73 -6.60
N SER A 7 -11.18 -9.80 -6.46
CA SER A 7 -10.27 -9.82 -7.61
C SER A 7 -10.12 -11.24 -8.15
N SER A 8 -9.66 -11.33 -9.40
CA SER A 8 -9.35 -12.62 -10.01
C SER A 8 -7.84 -12.78 -10.15
N TRP A 9 -7.40 -14.00 -10.43
CA TRP A 9 -5.97 -14.30 -10.50
C TRP A 9 -5.29 -13.49 -11.61
N GLY A 10 -4.11 -12.96 -11.30
CA GLY A 10 -3.33 -12.24 -12.31
C GLY A 10 -3.68 -10.78 -12.53
N GLU A 11 -4.76 -10.30 -11.90
CA GLU A 11 -5.13 -8.89 -12.01
C GLU A 11 -4.10 -7.97 -11.35
N TRP A 12 -3.64 -8.36 -10.17
CA TRP A 12 -2.74 -7.53 -9.35
C TRP A 12 -1.53 -8.34 -8.86
N PRO A 13 -0.67 -8.75 -9.79
CA PRO A 13 0.41 -9.70 -9.50
C PRO A 13 1.54 -9.14 -8.63
N TRP A 14 1.57 -7.82 -8.46
CA TRP A 14 2.52 -7.14 -7.58
C TRP A 14 2.06 -7.08 -6.12
N GLN A 15 0.81 -7.40 -5.83
CA GLN A 15 0.27 -7.25 -4.48
C GLN A 15 0.85 -8.31 -3.57
N VAL A 16 1.35 -7.89 -2.41
CA VAL A 16 1.82 -8.85 -1.41
C VAL A 16 1.08 -8.63 -0.11
N SER A 17 1.01 -9.69 0.71
CA SER A 17 0.49 -9.62 2.07
C SER A 17 1.67 -9.69 3.03
N LEU A 18 1.81 -8.66 3.87
CA LEU A 18 2.85 -8.63 4.89
C LEU A 18 2.23 -9.10 6.20
N GLN A 19 2.65 -10.25 6.67
CA GLN A 19 2.05 -10.90 7.82
C GLN A 19 3.10 -11.11 8.91
N VAL A 20 2.69 -11.21 10.15
CA VAL A 20 3.61 -11.58 11.20
C VAL A 20 3.19 -12.85 11.89
N LYS A 21 4.15 -13.63 12.27
CA LYS A 21 3.90 -14.73 13.12
C LYS A 21 4.69 -14.59 14.40
N LEU A 22 3.99 -14.57 15.51
CA LEU A 22 4.59 -14.69 16.79
C LEU A 22 4.21 -16.08 17.24
N THR A 23 3.15 -16.17 18.03
CA THR A 23 2.51 -17.44 18.29
C THR A 23 1.35 -17.69 17.35
N ALA A 24 0.69 -16.63 16.92
CA ALA A 24 -0.33 -16.71 15.90
C ALA A 24 0.12 -15.89 14.69
N GLN A 25 -0.47 -16.17 13.54
CA GLN A 25 -0.16 -15.49 12.28
C GLN A 25 -1.35 -14.60 11.82
N ARG A 26 -1.01 -13.39 11.42
CA ARG A 26 -1.98 -12.40 10.98
C ARG A 26 -1.40 -11.49 9.89
N HIS A 27 -2.30 -11.09 9.00
CA HIS A 27 -2.07 -10.07 8.02
C HIS A 27 -2.06 -8.73 8.68
N LEU A 28 -1.01 -7.96 8.43
CA LEU A 28 -0.93 -6.60 8.97
C LEU A 28 -1.02 -5.50 7.92
N CYS A 29 -0.39 -5.70 6.76
CA CYS A 29 -0.27 -4.64 5.78
C CYS A 29 -0.16 -5.18 4.36
N GLY A 30 -0.42 -4.31 3.40
CA GLY A 30 -0.12 -4.60 2.01
C GLY A 30 1.24 -4.09 1.60
N GLY A 31 1.63 -4.42 0.39
CA GLY A 31 2.91 -3.99 -0.16
C GLY A 31 2.86 -4.24 -1.64
N SER A 32 3.80 -3.65 -2.36
CA SER A 32 3.91 -3.85 -3.81
C SER A 32 5.29 -4.36 -4.15
N LEU A 33 5.36 -5.47 -4.87
CA LEU A 33 6.61 -5.95 -5.42
C LEU A 33 7.01 -4.94 -6.48
N ILE A 34 8.21 -4.36 -6.36
CA ILE A 34 8.69 -3.42 -7.37
C ILE A 34 9.93 -3.92 -8.09
N GLY A 35 10.61 -4.91 -7.53
CA GLY A 35 11.68 -5.61 -8.22
C GLY A 35 11.80 -7.01 -7.68
N HIS A 36 12.75 -7.78 -8.19
CA HIS A 36 12.80 -9.20 -7.84
C HIS A 36 13.12 -9.47 -6.37
N GLN A 37 13.71 -8.50 -5.68
CA GLN A 37 14.02 -8.65 -4.26
C GLN A 37 13.53 -7.45 -3.42
N TRP A 38 12.63 -6.64 -3.96
CA TRP A 38 12.22 -5.39 -3.30
C TRP A 38 10.71 -5.22 -3.23
N VAL A 39 10.22 -4.95 -2.02
CA VAL A 39 8.82 -4.60 -1.81
C VAL A 39 8.73 -3.16 -1.31
N LEU A 40 7.76 -2.42 -1.82
CA LEU A 40 7.50 -1.05 -1.41
C LEU A 40 6.21 -1.03 -0.56
N THR A 41 6.29 -0.43 0.62
CA THR A 41 5.15 -0.36 1.54
C THR A 41 5.17 0.96 2.30
N ALA A 42 4.34 1.06 3.34
CA ALA A 42 4.26 2.24 4.20
C ALA A 42 5.17 2.10 5.42
N ALA A 43 5.82 3.19 5.79
CA ALA A 43 6.66 3.22 7.01
C ALA A 43 5.87 2.90 8.26
N HIS A 44 4.62 3.34 8.34
CA HIS A 44 3.83 3.14 9.56
C HIS A 44 3.49 1.68 9.82
N CYS A 45 3.70 0.81 8.84
CA CYS A 45 3.49 -0.62 9.02
C CYS A 45 4.50 -1.24 9.97
N PHE A 46 5.55 -0.51 10.26
CA PHE A 46 6.57 -0.97 11.16
C PHE A 46 6.53 -0.32 12.54
N ASP A 47 5.61 0.58 12.80
CA ASP A 47 5.48 1.12 14.14
C ASP A 47 4.90 -0.04 14.98
N GLY A 48 5.44 -0.40 16.14
CA GLY A 48 5.31 -1.80 16.59
C GLY A 48 6.62 -2.45 16.17
N LEU A 49 6.82 -3.78 16.04
CA LEU A 49 8.23 -4.26 15.95
C LEU A 49 8.82 -4.02 14.49
N PRO A 50 10.09 -3.36 14.36
CA PRO A 50 10.83 -3.55 13.12
C PRO A 50 11.82 -4.72 13.17
N LEU A 51 11.79 -5.61 14.19
CA LEU A 51 12.63 -6.83 14.20
C LEU A 51 12.01 -7.92 13.38
N GLN A 52 12.66 -8.03 12.27
CA GLN A 52 12.09 -8.44 11.08
C GLN A 52 12.04 -9.94 11.06
N ASP A 53 12.35 -10.81 12.02
CA ASP A 53 12.18 -12.25 11.89
C ASP A 53 10.75 -12.67 11.98
N VAL A 54 9.93 -11.82 12.55
CA VAL A 54 8.51 -12.09 12.61
C VAL A 54 7.76 -12.08 11.29
N TRP A 55 8.25 -11.36 10.29
CA TRP A 55 7.53 -11.18 9.06
C TRP A 55 7.56 -12.32 8.12
N ARG A 56 6.37 -12.60 7.54
CA ARG A 56 6.18 -13.50 6.41
C ARG A 56 5.45 -12.71 5.30
N ILE A 57 6.09 -12.70 4.15
CA ILE A 57 5.59 -11.96 3.03
C ILE A 57 5.14 -12.91 1.95
N TYR A 58 3.86 -12.84 1.71
CA TYR A 58 3.22 -13.73 0.76
C TYR A 58 2.99 -13.00 -0.56
N SER A 59 3.44 -13.63 -1.63
CA SER A 59 3.23 -13.16 -2.98
C SER A 59 2.65 -14.31 -3.78
N GLY A 60 2.00 -14.01 -4.86
CA GLY A 60 1.35 -15.05 -5.61
C GLY A 60 0.16 -15.63 -4.93
N ILE A 61 -0.42 -14.90 -3.99
CA ILE A 61 -1.59 -15.35 -3.28
C ILE A 61 -2.80 -14.45 -3.54
N LEU A 62 -3.88 -14.99 -4.11
CA LEU A 62 -5.15 -14.26 -4.34
C LEU A 62 -6.17 -14.33 -3.21
N ASN A 63 -6.19 -15.45 -2.53
CA ASN A 63 -7.14 -15.76 -1.47
C ASN A 63 -6.36 -16.20 -0.22
N LEU A 64 -6.43 -15.43 0.85
CA LEU A 64 -5.60 -15.71 2.03
C LEU A 64 -5.94 -17.03 2.73
N SER A 65 -7.20 -17.32 2.90
CA SER A 65 -7.62 -18.62 3.43
C SER A 65 -6.97 -19.81 2.70
N ASP A 66 -6.48 -19.57 1.51
CA ASP A 66 -5.72 -20.58 0.76
C ASP A 66 -4.32 -20.83 1.38
N ILE A 67 -3.85 -19.95 2.26
CA ILE A 67 -2.53 -20.10 2.87
C ILE A 67 -2.51 -21.24 3.90
N THR A 68 -1.49 -22.08 3.80
CA THR A 68 -1.29 -23.19 4.74
C THR A 68 0.15 -23.18 5.23
N LYS A 69 0.48 -24.14 6.10
CA LYS A 69 1.86 -24.37 6.54
C LYS A 69 2.86 -24.52 5.39
N ASP A 70 2.43 -25.12 4.29
CA ASP A 70 3.31 -25.41 3.15
C ASP A 70 3.39 -24.30 2.09
N THR A 71 2.63 -23.22 2.28
CA THR A 71 2.66 -22.11 1.31
C THR A 71 4.00 -21.39 1.42
N PRO A 72 4.71 -21.22 0.30
CA PRO A 72 5.98 -20.53 0.42
C PRO A 72 5.79 -19.06 0.76
N PHE A 73 6.78 -18.47 1.42
CA PHE A 73 6.78 -17.04 1.71
C PHE A 73 8.21 -16.51 1.72
N SER A 74 8.32 -15.19 1.62
CA SER A 74 9.60 -14.51 1.64
C SER A 74 9.87 -14.00 3.05
N GLN A 75 11.16 -13.90 3.37
CA GLN A 75 11.59 -13.35 4.64
C GLN A 75 12.32 -12.04 4.37
N ILE A 76 12.47 -11.22 5.41
CA ILE A 76 13.09 -9.92 5.28
C ILE A 76 14.59 -9.97 5.54
N LYS A 77 15.34 -9.32 4.66
CA LYS A 77 16.80 -9.16 4.73
C LYS A 77 17.16 -7.79 5.28
N GLU A 78 16.41 -6.78 4.85
CA GLU A 78 16.67 -5.39 5.22
C GLU A 78 15.36 -4.58 5.14
N ILE A 79 15.21 -3.64 6.06
CA ILE A 79 14.10 -2.69 6.09
C ILE A 79 14.72 -1.30 6.00
N ILE A 80 14.26 -0.52 5.03
CA ILE A 80 14.74 0.84 4.84
C ILE A 80 13.55 1.77 4.97
N ILE A 81 13.42 2.39 6.14
CA ILE A 81 12.37 3.37 6.39
C ILE A 81 12.92 4.74 6.06
N HIS A 82 12.09 5.58 5.43
CA HIS A 82 12.52 6.92 5.04
C HIS A 82 13.05 7.66 6.25
N GLN A 83 14.28 8.17 6.14
CA GLN A 83 14.99 8.78 7.28
C GLN A 83 14.26 9.95 7.96
N ASN A 84 13.41 10.64 7.21
CA ASN A 84 12.61 11.76 7.73
C ASN A 84 11.18 11.40 8.16
N TYR A 85 10.80 10.13 8.10
CA TYR A 85 9.50 9.71 8.63
C TYR A 85 9.49 9.85 10.14
N LYS A 86 8.50 10.58 10.67
CA LYS A 86 8.25 10.64 12.10
C LYS A 86 6.80 10.20 12.33
N VAL A 87 6.59 9.20 13.16
CA VAL A 87 5.25 8.59 13.32
C VAL A 87 4.18 9.62 13.66
N SER A 88 4.48 10.55 14.56
CA SER A 88 3.44 11.46 14.90
C SER A 88 3.04 12.27 13.71
N GLU A 89 4.01 12.78 12.96
CA GLU A 89 3.66 13.66 11.84
C GLU A 89 3.02 13.04 10.63
N GLY A 90 3.58 11.94 10.17
CA GLY A 90 3.02 11.24 9.04
C GLY A 90 3.55 11.51 7.67
N ASN A 91 4.40 12.49 7.52
CA ASN A 91 5.16 12.75 6.30
C ASN A 91 6.17 11.65 5.95
N HIS A 92 6.35 11.43 4.65
CA HIS A 92 7.35 10.47 4.15
C HIS A 92 7.03 9.06 4.65
N ASP A 93 5.74 8.72 4.58
CA ASP A 93 5.26 7.39 4.97
C ASP A 93 5.54 6.41 3.83
N ILE A 94 6.79 5.95 3.81
CA ILE A 94 7.27 5.07 2.75
C ILE A 94 8.42 4.25 3.28
N ALA A 95 8.46 2.98 2.89
CA ALA A 95 9.51 2.06 3.33
C ALA A 95 9.78 1.02 2.27
N LEU A 96 11.05 0.62 2.16
CA LEU A 96 11.47 -0.47 1.30
C LEU A 96 11.80 -1.69 2.13
N ILE A 97 11.44 -2.85 1.61
CA ILE A 97 11.79 -4.13 2.20
C ILE A 97 12.63 -4.91 1.20
N LYS A 98 13.82 -5.34 1.61
CA LYS A 98 14.63 -6.22 0.79
C LYS A 98 14.37 -7.66 1.24
N LEU A 99 14.01 -8.52 0.29
CA LEU A 99 13.73 -9.93 0.60
C LEU A 99 15.05 -10.70 0.72
N GLN A 100 15.01 -11.81 1.46
CA GLN A 100 16.22 -12.63 1.66
C GLN A 100 16.66 -13.39 0.41
N ALA A 101 15.72 -13.60 -0.51
CA ALA A 101 16.01 -14.25 -1.77
C ALA A 101 15.21 -13.58 -2.88
N PRO A 102 15.78 -13.48 -4.09
CA PRO A 102 14.97 -12.95 -5.20
C PRO A 102 13.85 -13.90 -5.59
N LEU A 103 12.74 -13.34 -6.07
CA LEU A 103 11.61 -14.12 -6.55
C LEU A 103 11.66 -14.30 -8.06
N ASN A 104 11.29 -15.48 -8.52
CA ASN A 104 11.10 -15.71 -9.95
C ASN A 104 9.76 -15.08 -10.34
N TYR A 105 9.73 -14.44 -11.50
CA TYR A 105 8.51 -13.79 -11.97
C TYR A 105 7.57 -14.79 -12.61
N THR A 106 6.28 -14.67 -12.29
CA THR A 106 5.22 -15.46 -12.93
C THR A 106 4.05 -14.54 -13.22
N GLU A 107 3.05 -15.05 -13.93
CA GLU A 107 1.86 -14.25 -14.17
C GLU A 107 1.14 -13.77 -12.87
N PHE A 108 1.41 -14.43 -11.74
CA PHE A 108 0.78 -14.06 -10.46
C PHE A 108 1.76 -13.45 -9.46
N GLN A 109 2.98 -13.18 -9.92
CA GLN A 109 4.04 -12.69 -9.07
C GLN A 109 5.03 -11.91 -9.95
N LYS A 110 4.74 -10.63 -10.16
CA LYS A 110 5.51 -9.73 -11.05
C LYS A 110 5.54 -8.35 -10.43
N PRO A 111 6.58 -7.57 -10.74
CA PRO A 111 6.66 -6.21 -10.21
C PRO A 111 5.74 -5.19 -10.90
N ILE A 112 5.25 -4.23 -10.14
CA ILE A 112 4.50 -3.09 -10.68
C ILE A 112 5.47 -2.05 -11.26
N SER A 113 5.06 -1.41 -12.35
CA SER A 113 5.84 -0.32 -12.93
C SER A 113 5.78 0.95 -12.07
N LEU A 114 6.90 1.68 -12.05
CA LEU A 114 7.05 2.90 -11.27
C LEU A 114 7.00 4.14 -12.17
N PRO A 115 6.51 5.27 -11.64
CA PRO A 115 6.49 6.50 -12.42
C PRO A 115 7.88 7.15 -12.46
N SER A 116 8.03 8.16 -13.28
CA SER A 116 9.20 8.97 -13.31
C SER A 116 9.12 10.05 -12.28
N LYS A 117 10.27 10.60 -11.94
CA LYS A 117 10.46 11.53 -10.85
C LYS A 117 9.61 12.79 -10.95
N GLY A 118 9.21 13.21 -12.13
CA GLY A 118 8.21 14.30 -12.19
C GLY A 118 6.94 14.29 -13.03
N ASP A 119 5.96 13.43 -12.69
CA ASP A 119 4.70 13.49 -13.45
C ASP A 119 3.53 14.05 -12.72
N THR A 120 2.54 14.45 -13.52
CA THR A 120 1.17 14.77 -13.07
C THR A 120 0.15 13.74 -13.60
N SER A 121 -0.93 13.57 -12.87
CA SER A 121 -1.81 12.43 -12.93
C SER A 121 -2.99 12.58 -13.81
N THR A 122 -3.03 13.74 -14.40
CA THR A 122 -4.18 14.13 -15.10
C THR A 122 -4.38 13.16 -16.23
N ILE A 123 -3.38 12.30 -16.51
CA ILE A 123 -3.62 11.18 -17.40
C ILE A 123 -4.11 9.98 -16.63
N TYR A 124 -4.00 10.09 -15.30
CA TYR A 124 -4.47 9.03 -14.44
C TYR A 124 -5.93 9.26 -14.16
N THR A 125 -6.71 8.72 -15.04
CA THR A 125 -8.15 8.79 -14.92
C THR A 125 -8.75 7.45 -14.51
N ASN A 126 -7.92 6.41 -14.49
CA ASN A 126 -8.38 5.06 -14.17
C ASN A 126 -7.52 4.41 -13.09
N CYS A 127 -7.86 4.70 -11.84
CA CYS A 127 -7.05 4.29 -10.70
C CYS A 127 -7.81 3.34 -9.78
N TRP A 128 -7.07 2.38 -9.24
CA TRP A 128 -7.63 1.30 -8.42
C TRP A 128 -6.79 1.14 -7.16
N VAL A 129 -7.45 0.73 -6.07
CA VAL A 129 -6.77 0.44 -4.80
C VAL A 129 -7.17 -0.98 -4.40
N THR A 130 -6.20 -1.75 -3.93
CA THR A 130 -6.40 -3.16 -3.61
C THR A 130 -5.90 -3.51 -2.23
N GLY A 131 -6.48 -4.55 -1.64
CA GLY A 131 -5.99 -5.05 -0.37
C GLY A 131 -6.96 -6.00 0.30
N TRP A 132 -6.51 -6.57 1.41
CA TRP A 132 -7.30 -7.49 2.22
C TRP A 132 -7.86 -6.82 3.48
N GLY A 133 -7.83 -5.50 3.54
CA GLY A 133 -8.29 -4.77 4.71
C GLY A 133 -9.78 -4.83 4.97
N PHE A 134 -10.22 -4.16 6.03
CA PHE A 134 -11.62 -4.17 6.42
C PHE A 134 -12.52 -3.69 5.28
N SER A 135 -13.70 -4.29 5.18
CA SER A 135 -14.72 -3.85 4.22
C SER A 135 -15.68 -2.81 4.84
N LYS A 136 -15.46 -2.49 6.11
CA LYS A 136 -16.16 -1.38 6.76
C LYS A 136 -15.39 -0.97 8.01
N GLU A 137 -15.64 0.25 8.51
CA GLU A 137 -15.08 0.67 9.78
C GLU A 137 -15.48 -0.34 10.84
N LYS A 138 -14.57 -0.71 11.70
CA LYS A 138 -14.88 -1.69 12.69
C LYS A 138 -15.33 -2.94 12.03
N GLY A 139 -14.64 -3.27 10.94
CA GLY A 139 -14.82 -4.53 10.24
C GLY A 139 -13.83 -5.63 10.51
N GLU A 140 -13.51 -6.52 9.48
CA GLU A 140 -12.48 -7.53 9.61
C GLU A 140 -11.74 -7.81 8.30
N ILE A 141 -10.57 -8.44 8.37
CA ILE A 141 -9.79 -8.69 7.18
C ILE A 141 -10.57 -9.59 6.25
N GLN A 142 -10.48 -9.31 4.96
CA GLN A 142 -11.16 -10.06 3.91
C GLN A 142 -10.27 -11.11 3.30
N ASN A 143 -10.82 -12.27 3.01
CA ASN A 143 -10.02 -13.35 2.48
C ASN A 143 -9.51 -13.19 1.02
N ILE A 144 -10.41 -12.83 0.11
CA ILE A 144 -10.02 -12.61 -1.27
C ILE A 144 -9.64 -11.15 -1.48
N LEU A 145 -8.53 -10.95 -2.19
CA LEU A 145 -8.02 -9.62 -2.44
C LEU A 145 -9.11 -8.74 -3.06
N GLN A 146 -9.41 -7.63 -2.40
CA GLN A 146 -10.44 -6.72 -2.87
C GLN A 146 -9.86 -5.65 -3.79
N LYS A 147 -10.65 -5.22 -4.76
CA LYS A 147 -10.29 -4.11 -5.65
C LYS A 147 -11.41 -3.07 -5.66
N VAL A 148 -11.03 -1.80 -5.75
CA VAL A 148 -12.00 -0.73 -5.90
C VAL A 148 -11.46 0.37 -6.81
N ASN A 149 -12.34 0.91 -7.65
CA ASN A 149 -11.99 1.98 -8.58
C ASN A 149 -12.31 3.30 -7.91
N ILE A 150 -11.31 4.18 -7.74
CA ILE A 150 -11.50 5.46 -7.04
C ILE A 150 -10.87 6.60 -7.87
N PRO A 151 -11.55 7.76 -7.94
CA PRO A 151 -10.97 8.89 -8.66
C PRO A 151 -9.94 9.64 -7.82
N LEU A 152 -8.87 10.11 -8.45
CA LEU A 152 -7.93 11.00 -7.76
C LEU A 152 -8.60 12.35 -7.55
N VAL A 153 -8.24 13.01 -6.46
CA VAL A 153 -8.76 14.35 -6.17
C VAL A 153 -7.57 15.29 -6.02
N THR A 154 -7.77 16.56 -6.40
CA THR A 154 -6.70 17.55 -6.35
C THR A 154 -6.30 17.78 -4.89
N ASN A 155 -5.03 18.10 -4.66
CA ASN A 155 -4.55 18.37 -3.31
C ASN A 155 -5.26 19.58 -2.69
N GLU A 156 -5.65 20.55 -3.51
CA GLU A 156 -6.44 21.70 -3.03
C GLU A 156 -7.75 21.26 -2.40
N GLU A 157 -8.49 20.39 -3.10
CA GLU A 157 -9.77 19.87 -2.61
C GLU A 157 -9.56 18.93 -1.43
N CYS A 158 -8.48 18.15 -1.46
CA CYS A 158 -8.13 17.28 -0.34
C CYS A 158 -7.83 18.10 0.91
N GLN A 159 -7.05 19.17 0.75
CA GLN A 159 -6.70 20.04 1.87
C GLN A 159 -7.92 20.64 2.56
N LYS A 160 -8.98 20.92 1.81
CA LYS A 160 -10.21 21.45 2.39
C LYS A 160 -10.83 20.49 3.41
N ARG A 161 -10.76 19.21 3.12
CA ARG A 161 -11.31 18.17 3.98
C ARG A 161 -10.45 17.83 5.18
N TYR A 162 -9.23 18.31 5.17
CA TYR A 162 -8.33 18.04 6.24
C TYR A 162 -7.65 19.30 6.75
N GLN A 163 -8.37 20.16 7.46
CA GLN A 163 -7.80 21.42 7.96
C GLN A 163 -6.76 21.26 9.03
N ASP A 164 -6.87 20.18 9.78
CA ASP A 164 -5.91 19.75 10.79
C ASP A 164 -4.53 19.37 10.29
N TYR A 165 -4.40 18.91 9.06
CA TYR A 165 -3.10 18.58 8.48
C TYR A 165 -3.01 19.29 7.11
N LYS A 166 -1.88 19.74 6.64
CA LYS A 166 -0.73 19.07 6.21
C LYS A 166 -0.73 18.32 4.81
N ILE A 167 -1.59 18.60 3.82
CA ILE A 167 -1.54 17.91 2.52
C ILE A 167 -0.47 18.48 1.59
N THR A 168 0.64 17.75 1.45
CA THR A 168 1.81 18.24 0.72
C THR A 168 1.81 17.77 -0.73
N GLN A 169 2.76 18.29 -1.52
CA GLN A 169 2.97 17.82 -2.90
C GLN A 169 3.46 16.38 -2.94
N ARG A 170 3.94 15.85 -1.82
CA ARG A 170 4.42 14.47 -1.77
C ARG A 170 3.31 13.49 -1.37
N MET A 171 2.06 13.97 -1.35
CA MET A 171 0.91 13.11 -1.13
C MET A 171 -0.04 13.22 -2.31
N VAL A 172 -0.86 12.19 -2.49
CA VAL A 172 -1.92 12.18 -3.49
C VAL A 172 -3.18 11.66 -2.82
N CYS A 173 -4.31 12.30 -3.12
CA CYS A 173 -5.57 11.93 -2.50
C CYS A 173 -6.51 11.28 -3.51
N ALA A 174 -7.39 10.42 -3.05
CA ALA A 174 -8.38 9.81 -3.89
C ALA A 174 -9.58 9.45 -3.07
N GLY A 175 -10.77 9.61 -3.65
CA GLY A 175 -12.01 9.27 -3.01
C GLY A 175 -13.24 9.91 -3.63
N TYR A 176 -14.43 9.53 -3.17
CA TYR A 176 -15.68 10.06 -3.61
C TYR A 176 -16.23 11.05 -2.60
N LYS A 177 -16.83 12.11 -3.11
CA LYS A 177 -17.48 13.07 -2.25
C LYS A 177 -18.54 12.39 -1.42
N GLU A 178 -19.31 11.49 -1.98
CA GLU A 178 -20.34 10.82 -1.23
C GLU A 178 -19.84 9.67 -0.37
N GLY A 179 -18.53 9.36 -0.46
CA GLY A 179 -17.93 8.24 0.22
C GLY A 179 -18.37 6.89 -0.33
N GLY A 180 -18.20 5.86 0.48
CA GLY A 180 -18.62 4.51 0.20
C GLY A 180 -17.66 3.58 -0.51
N LYS A 181 -16.57 4.13 -1.01
CA LYS A 181 -15.48 3.41 -1.63
C LYS A 181 -14.13 3.95 -1.17
N ASP A 182 -13.27 3.11 -0.60
CA ASP A 182 -12.06 3.60 0.04
C ASP A 182 -11.21 2.43 0.55
N ALA A 183 -9.94 2.69 0.86
CA ALA A 183 -9.12 1.75 1.58
C ALA A 183 -9.55 1.82 3.04
N CYS A 184 -9.12 0.84 3.83
CA CYS A 184 -9.47 0.82 5.24
C CYS A 184 -8.38 0.10 6.02
N LYS A 185 -8.64 -0.18 7.30
CA LYS A 185 -7.64 -0.81 8.15
C LYS A 185 -7.20 -2.15 7.55
N GLY A 186 -5.88 -2.38 7.49
CA GLY A 186 -5.33 -3.60 6.88
C GLY A 186 -4.87 -3.39 5.46
N ASP A 187 -5.22 -2.24 4.87
CA ASP A 187 -4.82 -1.93 3.49
C ASP A 187 -3.54 -1.11 3.41
N SER A 188 -3.03 -0.66 4.57
CA SER A 188 -1.78 0.13 4.65
C SER A 188 -0.67 -0.44 3.80
N GLY A 189 0.04 0.41 3.09
CA GLY A 189 1.24 0.01 2.39
C GLY A 189 0.96 -0.60 1.04
N GLY A 190 -0.31 -0.88 0.75
CA GLY A 190 -0.70 -1.44 -0.53
C GLY A 190 -0.73 -0.39 -1.62
N PRO A 191 -0.94 -0.84 -2.86
CA PRO A 191 -0.83 0.01 -4.03
C PRO A 191 -2.09 0.81 -4.37
N LEU A 192 -1.86 2.04 -4.84
CA LEU A 192 -2.81 2.78 -5.63
C LEU A 192 -2.21 2.76 -7.04
N VAL A 193 -2.87 2.06 -7.95
CA VAL A 193 -2.34 1.86 -9.31
C VAL A 193 -3.28 2.47 -10.33
N CYS A 194 -2.72 3.02 -11.39
CA CYS A 194 -3.46 3.63 -12.46
C CYS A 194 -3.05 3.06 -13.81
N LYS A 195 -4.05 2.84 -14.66
CA LYS A 195 -3.88 2.23 -15.96
C LYS A 195 -3.91 3.31 -16.98
N HIS A 196 -2.82 3.37 -17.72
CA HIS A 196 -2.63 4.31 -18.78
C HIS A 196 -2.14 3.58 -20.04
N ASN A 197 -2.90 3.69 -21.13
CA ASN A 197 -2.57 3.09 -22.40
C ASN A 197 -2.29 1.62 -22.22
N GLY A 198 -3.09 0.92 -21.40
CA GLY A 198 -2.85 -0.49 -21.26
C GLY A 198 -1.65 -0.83 -20.41
N MET A 199 -1.00 0.09 -19.55
CA MET A 199 0.06 -0.35 -18.71
C MET A 199 -0.38 0.16 -17.34
N TRP A 200 -0.20 -0.65 -16.30
CA TRP A 200 -0.43 -0.25 -14.93
C TRP A 200 0.84 0.36 -14.29
N ARG A 201 0.71 1.13 -13.33
CA ARG A 201 1.87 1.74 -12.68
C ARG A 201 1.46 2.29 -11.33
N LEU A 202 2.42 2.33 -10.49
CA LEU A 202 2.17 2.65 -9.09
C LEU A 202 2.20 4.15 -8.86
N VAL A 203 1.08 4.69 -8.45
CA VAL A 203 0.96 6.12 -8.25
C VAL A 203 1.02 6.48 -6.77
N GLY A 204 0.44 5.65 -5.92
CA GLY A 204 0.41 5.92 -4.49
C GLY A 204 0.59 4.70 -3.61
N ILE A 205 0.94 4.96 -2.36
CA ILE A 205 1.02 3.94 -1.31
C ILE A 205 -0.02 4.30 -0.26
N THR A 206 -0.90 3.36 0.04
CA THR A 206 -2.01 3.58 0.97
C THR A 206 -1.47 3.99 2.34
N SER A 207 -1.93 5.14 2.84
CA SER A 207 -1.35 5.76 4.04
C SER A 207 -2.38 6.07 5.13
N TRP A 208 -3.23 7.08 4.91
CA TRP A 208 -4.14 7.51 5.98
C TRP A 208 -5.43 8.12 5.45
N GLY A 209 -6.37 8.33 6.37
CA GLY A 209 -7.63 8.98 6.10
C GLY A 209 -8.53 9.04 7.34
N GLU A 210 -9.64 9.72 7.32
CA GLU A 210 -10.42 9.72 8.53
C GLU A 210 -11.45 8.65 8.42
N GLY A 211 -11.33 7.66 9.28
CA GLY A 211 -12.21 6.53 9.21
C GLY A 211 -12.03 5.81 7.88
N CYS A 212 -13.09 5.26 7.32
CA CYS A 212 -13.06 4.60 6.06
C CYS A 212 -14.32 4.90 5.25
N ALA A 213 -14.17 5.43 4.05
CA ALA A 213 -15.26 5.59 3.14
C ALA A 213 -16.29 6.60 3.66
N ARG A 214 -15.87 7.54 4.49
CA ARG A 214 -16.77 8.59 4.94
C ARG A 214 -17.01 9.58 3.83
N ARG A 215 -18.14 10.25 3.85
CA ARG A 215 -18.37 11.31 2.89
C ARG A 215 -17.41 12.43 3.08
N GLU A 216 -16.90 12.94 2.00
CA GLU A 216 -16.06 14.09 1.99
C GLU A 216 -14.81 13.89 2.81
N GLN A 217 -14.37 12.66 2.96
CA GLN A 217 -13.10 12.38 3.60
C GLN A 217 -12.25 11.41 2.78
N PRO A 218 -11.52 12.05 1.79
CA PRO A 218 -10.82 11.15 0.89
C PRO A 218 -9.62 10.43 1.48
N GLY A 219 -9.19 9.34 0.87
CA GLY A 219 -7.99 8.63 1.29
C GLY A 219 -6.76 9.39 0.87
N VAL A 220 -5.72 9.33 1.71
CA VAL A 220 -4.47 10.02 1.44
C VAL A 220 -3.38 8.96 1.21
N TYR A 221 -2.60 9.17 0.17
CA TYR A 221 -1.60 8.20 -0.26
C TYR A 221 -0.27 8.89 -0.43
N THR A 222 0.81 8.20 -0.11
CA THR A 222 2.15 8.68 -0.41
C THR A 222 2.31 8.69 -1.92
N LYS A 223 2.70 9.84 -2.48
CA LYS A 223 2.88 10.00 -3.92
C LYS A 223 4.24 9.45 -4.35
N VAL A 224 4.24 8.28 -4.99
CA VAL A 224 5.46 7.55 -5.31
C VAL A 224 6.42 8.34 -6.22
N ALA A 225 5.90 9.10 -7.19
CA ALA A 225 6.74 9.89 -8.08
C ALA A 225 7.71 10.80 -7.32
N GLU A 226 7.25 11.32 -6.19
CA GLU A 226 8.06 12.27 -5.41
C GLU A 226 9.18 11.61 -4.61
N TYR A 227 9.21 10.28 -4.58
CA TYR A 227 10.21 9.53 -3.84
C TYR A 227 11.08 8.67 -4.74
N MET A 228 10.94 8.85 -6.05
CA MET A 228 11.66 8.01 -6.99
C MET A 228 13.18 8.16 -6.92
N ASP A 229 13.67 9.36 -6.61
CA ASP A 229 15.10 9.54 -6.37
C ASP A 229 15.54 8.73 -5.15
N TRP A 230 14.74 8.79 -4.09
CA TRP A 230 15.01 8.02 -2.87
C TRP A 230 14.97 6.51 -3.14
N ILE A 231 13.95 6.05 -3.87
CA ILE A 231 13.82 4.62 -4.16
C ILE A 231 15.02 4.10 -4.94
N LEU A 232 15.41 4.84 -5.98
CA LEU A 232 16.57 4.49 -6.79
C LEU A 232 17.86 4.48 -6.00
N GLU A 233 18.05 5.49 -5.15
CA GLU A 233 19.28 5.62 -4.38
C GLU A 233 19.42 4.49 -3.37
N LYS A 234 18.34 4.18 -2.65
CA LYS A 234 18.39 3.17 -1.60
C LYS A 234 18.55 1.75 -2.15
N THR A 235 17.84 1.44 -3.24
CA THR A 235 17.91 0.10 -3.82
C THR A 235 19.24 -0.15 -4.55
N GLN A 236 19.74 0.85 -5.29
CA GLN A 236 21.06 0.74 -5.94
C GLN A 236 22.19 0.61 -4.93
N SER A 237 22.13 1.44 -3.89
CA SER A 237 23.12 1.42 -2.82
C SER A 237 23.15 0.09 -2.08
N SER A 238 21.97 -0.43 -1.74
CA SER A 238 21.86 -1.71 -1.05
C SER A 238 22.30 -2.88 -1.93
N ASP A 239 21.91 -2.84 -3.21
CA ASP A 239 22.35 -3.85 -4.18
C ASP A 239 23.80 -3.54 -4.56
N CYS B 1 1.32 4.96 16.29
CA CYS B 1 0.82 5.71 15.17
C CYS B 1 -0.61 6.18 15.36
N PRO B 2 -0.84 7.44 14.81
CA PRO B 2 -2.19 7.98 15.05
C PRO B 2 -3.41 7.28 14.44
N LYS B 3 -4.59 7.68 14.95
CA LYS B 3 -5.88 7.13 14.51
C LYS B 3 -6.12 7.17 12.99
N ARG B 4 -5.62 8.21 12.32
CA ARG B 4 -5.85 8.36 10.88
C ARG B 4 -5.09 7.31 10.06
N PHE B 5 -4.02 6.74 10.60
CA PHE B 5 -3.34 5.66 9.89
C PHE B 5 -3.98 4.28 9.90
N ALA B 6 -3.70 3.40 8.95
CA ALA B 6 -4.53 2.26 8.72
C ALA B 6 -4.05 0.91 9.27
N ALA B 7 -2.91 0.94 9.95
CA ALA B 7 -2.44 -0.25 10.58
C ALA B 7 -3.34 -0.63 11.73
N LEU B 8 -3.39 -1.89 12.05
CA LEU B 8 -4.46 -2.43 12.84
C LEU B 8 -4.36 -1.86 14.20
N PHE B 9 -3.17 -1.50 14.54
CA PHE B 9 -3.08 -1.04 15.92
C PHE B 9 -2.87 0.46 16.07
N CYS B 10 -3.09 1.19 15.00
CA CYS B 10 -2.87 2.60 15.01
C CYS B 10 -3.91 3.25 15.86
S SO4 C . -2.64 -12.49 -7.39
O1 SO4 C . -1.93 -11.62 -8.36
O2 SO4 C . -3.09 -11.68 -6.23
O3 SO4 C . -3.80 -13.06 -8.08
O4 SO4 C . -1.71 -13.54 -6.94
S SO4 D . 0.66 -13.41 19.18
O1 SO4 D . 1.10 -12.00 19.28
O2 SO4 D . -0.74 -13.52 19.63
O3 SO4 D . 0.76 -13.89 17.78
O4 SO4 D . 1.55 -14.25 20.01
S SO4 E . -19.85 5.97 -4.45
O1 SO4 E . -19.85 5.69 -5.91
O2 SO4 E . -20.13 7.41 -4.23
O3 SO4 E . -20.90 5.16 -3.79
O4 SO4 E . -18.52 5.62 -3.90
S SO4 F . -10.84 -4.51 -13.49
O1 SO4 F . -11.39 -3.31 -14.16
O2 SO4 F . -9.60 -4.13 -12.78
O3 SO4 F . -10.54 -5.53 -14.51
O4 SO4 F . -11.83 -5.06 -12.52
C1 MRZ G . -5.44 3.46 6.68
C6 MRZ G . -6.86 3.61 7.13
C5 MRZ G . -7.51 4.82 6.52
N4 MRZ G . -7.34 4.89 5.08
C3 MRZ G . -6.04 4.55 4.56
C2 MRZ G . -5.48 3.32 5.19
C7 MRZ G . -8.29 5.35 4.28
N8 MRZ G . -8.12 5.47 3.06
N9 MRZ G . -9.46 5.66 4.79
#